data_5XVX
#
_entry.id   5XVX
#
_cell.length_a   174.460
_cell.length_b   174.460
_cell.length_c   240.430
_cell.angle_alpha   90.00
_cell.angle_beta   90.00
_cell.angle_gamma   120.00
#
_symmetry.space_group_name_H-M   'H 3 2'
#
loop_
_entity.id
_entity.type
_entity.pdbx_description
1 polymer 'Glutamate dehydrogenase'
2 non-polymer 'NADPH DIHYDRO-NICOTINAMIDE-ADENINE-DINUCLEOTIDE PHOSPHATE'
3 non-polymer '2-OXOGLUTARIC ACID'
4 non-polymer GLYCEROL
5 non-polymer DI(HYDROXYETHYL)ETHER
6 water water
#
_entity_poly.entity_id   1
_entity_poly.type   'polypeptide(L)'
_entity_poly.pdbx_seq_one_letter_code
;MSNLPHEPEFEQAYKELASTLENSTLFQKNPEYRKALAVVSVPERVIQFRVVWEDDAGNVQVNRGFRVQFNSALGPYKGG
LRFHPSVNLSILKFLGFEQIFKNALTGLNMGGGKGGSDFDPKGKSDNEIRRFCVSFMTELCKHIGADTDVPAGDIGVTGR
EVGFLFGQYRKIRNQWEGVLTGKGGSWGGSLIRPEATGYGVVYYVEHMIAHATNGQESFKGKRVAISGSGNVAQYAALKV
IELGGSVVSLSDSQGSLIINGEGSFTPEEIELIAQTKVERKQLASIVGAAPFSDANKFKYIAGARPWVHVGKVDVALPSA
TQNEISGEEAQVLINAGCKFIAEGSNMGCTQEAIDTFEAHRTANAGAAAIWYAPGKAANAGGVAVSGLEMAQNSARLSWT
SEEVDARLKDIMRDCFKNGLETAQEYATPAEGVLPSLVTGSNIAGFTKVAAAMKDQGDWW
;
_entity_poly.pdbx_strand_id   A
#
loop_
_chem_comp.id
_chem_comp.type
_chem_comp.name
_chem_comp.formula
AKG non-polymer '2-OXOGLUTARIC ACID' 'C5 H6 O5'
GOL non-polymer GLYCEROL 'C3 H8 O3'
NDP non-polymer 'NADPH DIHYDRO-NICOTINAMIDE-ADENINE-DINUCLEOTIDE PHOSPHATE' 'C21 H30 N7 O17 P3'
PEG non-polymer DI(HYDROXYETHYL)ETHER 'C4 H10 O3'
#
# COMPACT_ATOMS: atom_id res chain seq x y z
N SER A 2 29.50 3.54 -13.77
CA SER A 2 28.45 3.76 -12.67
C SER A 2 28.84 4.85 -11.61
N ASN A 3 29.45 4.65 -10.43
CA ASN A 3 29.30 3.52 -9.51
C ASN A 3 28.21 3.91 -8.48
N LEU A 4 27.24 3.03 -8.38
CA LEU A 4 25.92 3.36 -7.88
C LEU A 4 25.87 3.31 -6.38
N PRO A 5 25.03 4.17 -5.75
CA PRO A 5 24.85 4.07 -4.30
C PRO A 5 24.08 2.80 -3.89
N HIS A 6 24.30 2.39 -2.64
N HIS A 6 24.30 2.38 -2.64
CA HIS A 6 23.59 1.25 -2.03
CA HIS A 6 23.61 1.24 -2.05
C HIS A 6 22.19 1.68 -1.66
C HIS A 6 22.20 1.67 -1.65
N GLU A 7 21.19 1.02 -2.24
CA GLU A 7 19.77 1.34 -2.01
C GLU A 7 19.05 0.03 -1.69
N PRO A 8 19.18 -0.45 -0.44
CA PRO A 8 18.74 -1.83 -0.15
C PRO A 8 17.27 -2.08 -0.43
N GLU A 9 16.39 -1.15 -0.05
CA GLU A 9 14.94 -1.33 -0.26
C GLU A 9 14.62 -1.43 -1.74
N PHE A 10 15.22 -0.53 -2.53
CA PHE A 10 15.01 -0.54 -3.95
C PHE A 10 15.54 -1.82 -4.58
N GLU A 11 16.74 -2.21 -4.17
CA GLU A 11 17.36 -3.45 -4.67
C GLU A 11 16.51 -4.69 -4.35
N GLN A 12 15.94 -4.71 -3.15
CA GLN A 12 15.03 -5.79 -2.77
C GLN A 12 13.82 -5.89 -3.69
N ALA A 13 13.16 -4.75 -3.93
CA ALA A 13 12.00 -4.71 -4.80
C ALA A 13 12.34 -5.12 -6.22
N TYR A 14 13.44 -4.59 -6.74
CA TYR A 14 13.91 -4.92 -8.08
C TYR A 14 14.21 -6.43 -8.20
N LYS A 15 14.97 -6.96 -7.24
CA LYS A 15 15.38 -8.37 -7.29
C LYS A 15 14.20 -9.33 -7.25
N GLU A 16 13.18 -9.02 -6.45
CA GLU A 16 12.00 -9.86 -6.38
C GLU A 16 11.24 -9.82 -7.69
N LEU A 17 11.06 -8.61 -8.26
CA LEU A 17 10.43 -8.55 -9.57
C LEU A 17 11.22 -9.34 -10.60
N ALA A 18 12.51 -9.06 -10.71
CA ALA A 18 13.36 -9.68 -11.73
C ALA A 18 13.36 -11.24 -11.61
N SER A 19 13.43 -11.71 -10.37
CA SER A 19 13.43 -13.14 -10.09
CA SER A 19 13.42 -13.15 -10.08
CA SER A 19 13.41 -13.16 -10.07
C SER A 19 12.14 -13.81 -10.57
N THR A 20 10.98 -13.18 -10.32
CA THR A 20 9.73 -13.74 -10.81
C THR A 20 9.65 -13.74 -12.31
N LEU A 21 10.20 -12.69 -12.97
CA LEU A 21 10.20 -12.67 -14.40
C LEU A 21 11.09 -13.79 -14.97
N GLU A 22 12.25 -13.98 -14.38
CA GLU A 22 13.18 -15.06 -14.81
C GLU A 22 12.62 -16.46 -14.61
N ASN A 23 11.88 -16.67 -13.53
CA ASN A 23 11.27 -17.98 -13.22
C ASN A 23 9.88 -18.13 -13.82
N SER A 24 9.87 -18.03 -15.14
CA SER A 24 8.67 -18.07 -15.92
C SER A 24 9.12 -18.25 -17.35
N THR A 25 8.19 -18.41 -18.26
CA THR A 25 8.52 -18.49 -19.68
C THR A 25 8.55 -17.13 -20.38
N LEU A 26 8.42 -16.04 -19.63
CA LEU A 26 8.37 -14.70 -20.26
C LEU A 26 9.53 -14.39 -21.21
N PHE A 27 10.75 -14.58 -20.75
CA PHE A 27 11.93 -14.25 -21.53
C PHE A 27 12.30 -15.30 -22.60
N GLN A 28 11.64 -16.45 -22.58
CA GLN A 28 11.68 -17.39 -23.70
C GLN A 28 10.80 -16.87 -24.83
N LYS A 29 9.62 -16.38 -24.49
CA LYS A 29 8.70 -15.82 -25.47
C LYS A 29 9.17 -14.41 -25.94
N ASN A 30 9.68 -13.59 -25.02
CA ASN A 30 10.06 -12.20 -25.30
C ASN A 30 11.39 -11.86 -24.67
N PRO A 31 12.50 -12.43 -25.20
CA PRO A 31 13.80 -12.14 -24.62
C PRO A 31 14.21 -10.65 -24.68
N GLU A 32 13.65 -9.93 -25.65
CA GLU A 32 13.87 -8.47 -25.77
C GLU A 32 13.36 -7.68 -24.56
N TYR A 33 12.45 -8.26 -23.77
CA TYR A 33 12.00 -7.61 -22.53
C TYR A 33 13.06 -7.47 -21.48
N ARG A 34 14.19 -8.16 -21.58
CA ARG A 34 15.32 -7.88 -20.71
CA ARG A 34 15.28 -7.88 -20.67
C ARG A 34 15.79 -6.43 -20.87
N LYS A 35 15.74 -5.93 -22.09
CA LYS A 35 16.10 -4.52 -22.36
C LYS A 35 15.10 -3.58 -21.67
N ALA A 36 13.82 -3.91 -21.77
CA ALA A 36 12.77 -3.14 -21.11
C ALA A 36 13.02 -3.08 -19.61
N LEU A 37 13.41 -4.22 -19.02
CA LEU A 37 13.69 -4.23 -17.60
C LEU A 37 14.83 -3.31 -17.19
N ALA A 38 15.90 -3.26 -18.00
CA ALA A 38 17.03 -2.40 -17.72
C ALA A 38 16.65 -0.89 -17.79
N VAL A 39 15.80 -0.55 -18.77
CA VAL A 39 15.36 0.84 -18.95
C VAL A 39 14.36 1.24 -17.87
N VAL A 40 13.35 0.39 -17.60
CA VAL A 40 12.26 0.78 -16.70
C VAL A 40 12.79 0.97 -15.28
N SER A 41 13.91 0.29 -14.95
CA SER A 41 14.45 0.31 -13.59
CA SER A 41 14.43 0.32 -13.59
C SER A 41 15.22 1.56 -13.23
N VAL A 42 15.47 2.46 -14.21
CA VAL A 42 16.09 3.74 -13.93
C VAL A 42 14.98 4.82 -14.02
N PRO A 43 14.75 5.57 -12.94
CA PRO A 43 13.61 6.50 -12.96
C PRO A 43 13.77 7.57 -14.05
N GLU A 44 12.67 7.94 -14.68
CA GLU A 44 12.63 9.01 -15.67
C GLU A 44 13.17 10.28 -15.06
N ARG A 45 12.76 10.60 -13.83
CA ARG A 45 13.16 11.84 -13.16
C ARG A 45 13.01 11.74 -11.67
N VAL A 46 13.93 12.34 -10.94
CA VAL A 46 13.83 12.43 -9.51
C VAL A 46 14.17 13.85 -9.15
N ILE A 47 13.35 14.45 -8.30
CA ILE A 47 13.62 15.78 -7.76
CA ILE A 47 13.59 15.79 -7.76
C ILE A 47 13.85 15.65 -6.26
N GLN A 48 14.96 16.19 -5.79
CA GLN A 48 15.26 16.29 -4.33
C GLN A 48 15.39 17.75 -4.02
N PHE A 49 14.90 18.18 -2.89
CA PHE A 49 14.93 19.58 -2.55
C PHE A 49 14.97 19.84 -1.08
N ARG A 50 15.65 20.91 -0.69
CA ARG A 50 15.67 21.34 0.71
C ARG A 50 14.33 21.91 1.11
N VAL A 51 13.85 21.57 2.30
CA VAL A 51 12.66 22.19 2.85
C VAL A 51 13.00 22.87 4.20
N VAL A 52 13.05 24.19 4.18
CA VAL A 52 13.24 25.00 5.39
C VAL A 52 11.87 25.44 5.88
N TRP A 53 11.61 25.28 7.19
CA TRP A 53 10.32 25.62 7.77
C TRP A 53 10.56 26.08 9.22
N GLU A 54 9.58 26.78 9.75
CA GLU A 54 9.69 27.45 11.05
C GLU A 54 8.87 26.69 12.10
N ASP A 55 9.52 26.39 13.23
CA ASP A 55 8.80 25.68 14.29
C ASP A 55 8.03 26.65 15.18
N ASP A 56 7.30 26.11 16.15
CA ASP A 56 6.42 26.97 16.98
C ASP A 56 7.22 27.92 17.90
N ALA A 57 8.49 27.64 18.11
CA ALA A 57 9.38 28.52 18.90
C ALA A 57 10.04 29.58 18.04
N GLY A 58 9.77 29.58 16.72
CA GLY A 58 10.39 30.53 15.81
C GLY A 58 11.75 30.12 15.26
N ASN A 59 12.14 28.87 15.43
CA ASN A 59 13.45 28.42 15.03
C ASN A 59 13.42 27.78 13.63
N VAL A 60 14.51 28.00 12.89
CA VAL A 60 14.66 27.37 11.57
CA VAL A 60 14.76 27.34 11.58
C VAL A 60 14.86 25.85 11.73
N GLN A 61 14.15 25.09 10.90
CA GLN A 61 14.33 23.67 10.81
CA GLN A 61 14.26 23.66 10.81
C GLN A 61 14.51 23.30 9.33
N VAL A 62 15.28 22.24 9.09
CA VAL A 62 15.59 21.81 7.74
C VAL A 62 15.27 20.33 7.58
N ASN A 63 14.53 20.00 6.53
CA ASN A 63 14.30 18.63 6.13
C ASN A 63 14.52 18.46 4.65
N ARG A 64 14.48 17.19 4.23
CA ARG A 64 14.75 16.84 2.85
CA ARG A 64 14.76 16.81 2.86
C ARG A 64 13.46 16.41 2.20
N GLY A 65 13.20 16.96 1.01
CA GLY A 65 12.00 16.61 0.21
C GLY A 65 12.40 15.88 -1.06
N PHE A 66 11.47 15.08 -1.58
CA PHE A 66 11.70 14.21 -2.70
C PHE A 66 10.44 14.05 -3.52
N ARG A 67 10.62 13.89 -4.84
CA ARG A 67 9.59 13.30 -5.68
C ARG A 67 10.26 12.47 -6.74
N VAL A 68 9.98 11.17 -6.72
CA VAL A 68 10.45 10.22 -7.72
C VAL A 68 9.38 10.04 -8.76
N GLN A 69 9.70 10.40 -9.99
CA GLN A 69 8.79 10.31 -11.14
C GLN A 69 9.31 9.15 -11.98
N PHE A 70 8.90 7.95 -11.62
CA PHE A 70 9.57 6.76 -12.11
C PHE A 70 9.27 6.40 -13.57
N ASN A 71 7.99 6.40 -13.96
CA ASN A 71 7.58 5.96 -15.29
C ASN A 71 6.24 6.61 -15.65
N SER A 72 6.13 7.11 -16.88
CA SER A 72 4.89 7.74 -17.32
C SER A 72 4.39 7.16 -18.62
N ALA A 73 4.76 5.93 -18.98
CA ALA A 73 4.23 5.38 -20.24
C ALA A 73 2.71 5.25 -20.24
N LEU A 74 2.14 4.78 -19.12
CA LEU A 74 0.70 4.54 -19.03
C LEU A 74 -0.12 5.70 -18.57
N GLY A 75 0.52 6.76 -18.07
CA GLY A 75 -0.22 7.92 -17.63
C GLY A 75 0.65 8.90 -16.89
N PRO A 76 0.06 9.98 -16.41
CA PRO A 76 0.85 10.90 -15.57
C PRO A 76 1.37 10.18 -14.35
N TYR A 77 2.51 10.62 -13.83
CA TYR A 77 3.05 9.97 -12.62
C TYR A 77 2.03 10.01 -11.51
N LYS A 78 1.92 8.92 -10.70
CA LYS A 78 0.88 8.82 -9.73
C LYS A 78 1.43 7.99 -8.56
N GLY A 79 1.27 8.53 -7.37
CA GLY A 79 1.61 7.79 -6.15
C GLY A 79 1.74 8.75 -5.00
N GLY A 80 1.77 8.21 -3.80
CA GLY A 80 1.71 9.03 -2.60
C GLY A 80 2.96 9.73 -2.12
N LEU A 81 2.73 10.50 -1.06
CA LEU A 81 3.76 11.19 -0.32
C LEU A 81 3.84 10.56 1.08
N ARG A 82 5.06 10.25 1.48
CA ARG A 82 5.39 9.67 2.79
C ARG A 82 6.19 10.68 3.63
N PHE A 83 5.70 11.01 4.81
CA PHE A 83 6.40 11.84 5.77
C PHE A 83 6.74 10.92 6.95
N HIS A 84 7.99 10.51 7.00
CA HIS A 84 8.46 9.60 8.05
C HIS A 84 9.96 9.77 8.18
N PRO A 85 10.51 9.73 9.42
CA PRO A 85 11.95 9.99 9.59
C PRO A 85 12.89 9.04 8.88
N SER A 86 12.43 7.86 8.47
CA SER A 86 13.21 6.91 7.69
C SER A 86 13.41 7.31 6.22
N VAL A 87 12.56 8.20 5.71
CA VAL A 87 12.53 8.47 4.28
C VAL A 87 13.90 8.88 3.72
N ASN A 88 14.23 8.27 2.58
CA ASN A 88 15.36 8.61 1.77
C ASN A 88 15.04 8.14 0.34
N LEU A 89 15.98 8.33 -0.57
CA LEU A 89 15.77 8.04 -1.97
C LEU A 89 15.57 6.55 -2.22
N SER A 90 16.35 5.72 -1.51
CA SER A 90 16.20 4.26 -1.62
C SER A 90 14.76 3.81 -1.37
N ILE A 91 14.19 4.25 -0.26
CA ILE A 91 12.84 3.90 0.11
C ILE A 91 11.82 4.40 -0.92
N LEU A 92 11.98 5.66 -1.34
CA LEU A 92 11.04 6.21 -2.32
C LEU A 92 11.18 5.59 -3.70
N LYS A 93 12.37 5.13 -4.07
CA LYS A 93 12.54 4.39 -5.29
C LYS A 93 11.90 3.04 -5.25
N PHE A 94 11.99 2.33 -4.10
CA PHE A 94 11.32 1.05 -4.01
C PHE A 94 9.83 1.27 -4.20
N LEU A 95 9.29 2.28 -3.51
CA LEU A 95 7.87 2.57 -3.56
C LEU A 95 7.41 3.00 -4.95
N GLY A 96 8.18 3.90 -5.56
CA GLY A 96 7.84 4.36 -6.91
C GLY A 96 7.95 3.29 -7.99
N PHE A 97 8.93 2.41 -7.85
CA PHE A 97 9.10 1.29 -8.75
C PHE A 97 7.89 0.35 -8.70
N GLU A 98 7.53 -0.06 -7.48
CA GLU A 98 6.34 -0.87 -7.26
C GLU A 98 5.09 -0.22 -7.82
N GLN A 99 5.00 1.07 -7.60
CA GLN A 99 3.86 1.85 -8.06
CA GLN A 99 3.86 1.85 -8.05
C GLN A 99 3.61 1.75 -9.57
N ILE A 100 4.68 1.66 -10.36
CA ILE A 100 4.53 1.56 -11.83
C ILE A 100 3.63 0.37 -12.15
N PHE A 101 3.96 -0.76 -11.52
CA PHE A 101 3.32 -2.05 -11.89
C PHE A 101 1.96 -2.21 -11.24
N LYS A 102 1.83 -1.73 -10.00
CA LYS A 102 0.55 -1.63 -9.31
C LYS A 102 -0.42 -0.83 -10.16
N ASN A 103 0.04 0.34 -10.62
CA ASN A 103 -0.85 1.20 -11.38
C ASN A 103 -1.29 0.55 -12.67
N ALA A 104 -0.37 -0.17 -13.29
CA ALA A 104 -0.67 -0.92 -14.49
C ALA A 104 -1.81 -1.94 -14.29
N LEU A 105 -1.86 -2.55 -13.10
CA LEU A 105 -2.89 -3.57 -12.82
C LEU A 105 -4.29 -3.01 -12.59
N THR A 106 -4.42 -1.69 -12.39
CA THR A 106 -5.72 -1.06 -12.16
C THR A 106 -6.54 -0.91 -13.42
N GLY A 107 -5.87 -0.94 -14.57
CA GLY A 107 -6.54 -0.69 -15.82
C GLY A 107 -6.75 0.79 -16.15
N LEU A 108 -6.30 1.70 -15.27
CA LEU A 108 -6.46 3.13 -15.50
C LEU A 108 -5.14 3.71 -16.01
N ASN A 109 -5.22 4.90 -16.60
CA ASN A 109 -4.00 5.53 -17.15
C ASN A 109 -3.24 6.35 -16.11
N MET A 110 -2.36 5.64 -15.40
CA MET A 110 -1.57 6.22 -14.32
C MET A 110 -0.15 5.62 -14.41
N GLY A 111 0.84 6.51 -14.41
CA GLY A 111 2.23 6.19 -14.37
C GLY A 111 2.60 5.99 -12.89
N GLY A 112 3.86 5.73 -12.61
CA GLY A 112 4.31 5.44 -11.26
C GLY A 112 5.25 6.48 -10.71
N GLY A 113 4.97 6.93 -9.49
CA GLY A 113 5.86 7.82 -8.75
C GLY A 113 5.65 7.72 -7.26
N LYS A 114 6.49 8.41 -6.51
CA LYS A 114 6.35 8.46 -5.03
C LYS A 114 7.20 9.61 -4.54
N GLY A 115 6.82 10.21 -3.43
CA GLY A 115 7.64 11.26 -2.85
C GLY A 115 7.46 11.36 -1.38
N GLY A 116 7.98 12.43 -0.82
CA GLY A 116 7.80 12.67 0.59
C GLY A 116 8.99 13.38 1.20
N SER A 117 9.16 13.15 2.50
CA SER A 117 10.15 13.85 3.27
C SER A 117 10.53 13.03 4.50
N ASP A 118 11.75 13.27 4.98
CA ASP A 118 12.15 12.78 6.32
C ASP A 118 11.57 13.59 7.50
N PHE A 119 10.75 14.60 7.23
CA PHE A 119 9.93 15.26 8.26
C PHE A 119 9.12 14.23 9.06
N ASP A 120 9.20 14.36 10.38
CA ASP A 120 8.46 13.42 11.27
C ASP A 120 7.27 14.13 11.87
N PRO A 121 6.06 13.76 11.48
CA PRO A 121 4.90 14.42 12.04
C PRO A 121 4.70 14.23 13.57
N LYS A 122 5.29 13.18 14.14
CA LYS A 122 5.10 12.91 15.57
CA LYS A 122 5.13 12.88 15.58
C LYS A 122 5.77 13.98 16.38
N GLY A 123 5.06 14.48 17.38
CA GLY A 123 5.57 15.55 18.23
C GLY A 123 5.43 16.96 17.67
N LYS A 124 4.88 17.09 16.46
CA LYS A 124 4.66 18.40 15.84
C LYS A 124 3.25 18.82 16.11
N SER A 125 3.04 20.13 16.25
CA SER A 125 1.70 20.70 16.25
C SER A 125 1.08 20.72 14.83
N ASP A 126 -0.23 20.89 14.76
CA ASP A 126 -0.90 21.10 13.47
C ASP A 126 -0.33 22.33 12.80
N ASN A 127 -0.01 23.37 13.55
CA ASN A 127 0.59 24.57 12.96
C ASN A 127 1.94 24.27 12.32
N GLU A 128 2.77 23.48 12.98
CA GLU A 128 4.07 23.10 12.43
C GLU A 128 3.89 22.27 11.15
N ILE A 129 2.93 21.34 11.16
CA ILE A 129 2.64 20.54 9.93
C ILE A 129 2.19 21.48 8.79
N ARG A 130 1.32 22.44 9.09
CA ARG A 130 0.92 23.43 8.08
C ARG A 130 2.14 24.16 7.49
N ARG A 131 3.00 24.70 8.34
CA ARG A 131 4.15 25.45 7.84
C ARG A 131 5.08 24.54 6.99
N PHE A 132 5.27 23.31 7.44
CA PHE A 132 6.08 22.35 6.69
C PHE A 132 5.45 22.10 5.30
N CYS A 133 4.15 21.83 5.26
CA CYS A 133 3.46 21.54 3.98
C CYS A 133 3.53 22.75 3.03
N VAL A 134 3.36 23.94 3.59
CA VAL A 134 3.50 25.16 2.79
C VAL A 134 4.87 25.28 2.12
N SER A 135 5.93 25.08 2.89
CA SER A 135 7.29 25.12 2.37
CA SER A 135 7.29 25.11 2.37
C SER A 135 7.54 23.99 1.37
N PHE A 136 7.11 22.80 1.71
CA PHE A 136 7.24 21.62 0.83
C PHE A 136 6.63 21.87 -0.55
N MET A 137 5.38 22.34 -0.58
CA MET A 137 4.71 22.53 -1.84
C MET A 137 5.21 23.74 -2.60
N THR A 138 5.79 24.74 -1.91
CA THR A 138 6.38 25.88 -2.58
C THR A 138 7.40 25.41 -3.62
N GLU A 139 8.18 24.40 -3.31
CA GLU A 139 9.08 23.79 -4.31
C GLU A 139 8.40 22.73 -5.15
N LEU A 140 7.62 21.84 -4.56
CA LEU A 140 7.08 20.71 -5.34
C LEU A 140 6.14 21.15 -6.47
N CYS A 141 5.43 22.28 -6.29
N CYS A 141 5.48 22.28 -6.27
CA CYS A 141 4.40 22.69 -7.28
CA CYS A 141 4.50 22.82 -7.17
C CYS A 141 5.00 22.87 -8.67
C CYS A 141 4.98 23.08 -8.61
N LYS A 142 6.29 23.25 -8.78
CA LYS A 142 6.93 23.41 -10.10
C LYS A 142 6.89 22.12 -10.92
N HIS A 143 6.82 20.95 -10.25
CA HIS A 143 7.11 19.66 -10.87
C HIS A 143 5.92 18.76 -11.09
N ILE A 144 4.74 19.19 -10.62
CA ILE A 144 3.56 18.34 -10.59
C ILE A 144 2.40 19.08 -11.26
N GLY A 145 1.29 18.38 -11.43
CA GLY A 145 0.11 18.97 -12.06
C GLY A 145 -0.85 17.91 -12.52
N ALA A 146 -2.08 18.30 -12.82
CA ALA A 146 -3.16 17.32 -13.09
C ALA A 146 -2.88 16.38 -14.26
N ASP A 147 -2.07 16.81 -15.23
CA ASP A 147 -1.69 15.94 -16.37
C ASP A 147 -0.19 15.61 -16.38
N THR A 148 0.44 15.76 -15.23
N THR A 148 0.52 15.86 -15.28
CA THR A 148 1.88 15.66 -15.09
CA THR A 148 1.97 15.50 -15.17
C THR A 148 2.25 14.62 -14.02
C THR A 148 2.28 14.55 -14.02
N ASP A 149 1.83 14.89 -12.81
CA ASP A 149 2.15 14.10 -11.60
C ASP A 149 1.12 14.48 -10.55
N VAL A 150 0.44 13.46 -10.02
CA VAL A 150 -0.67 13.63 -9.11
C VAL A 150 -0.33 12.86 -7.82
N PRO A 151 0.20 13.56 -6.80
CA PRO A 151 0.45 12.88 -5.53
C PRO A 151 -0.82 12.64 -4.70
N ALA A 152 -0.60 12.06 -3.54
CA ALA A 152 -1.67 11.69 -2.63
C ALA A 152 -0.97 11.43 -1.29
N GLY A 153 -1.71 10.86 -0.33
N GLY A 153 -1.70 10.85 -0.33
CA GLY A 153 -1.12 10.46 0.95
CA GLY A 153 -1.13 10.47 0.97
C GLY A 153 -0.33 9.16 0.87
C GLY A 153 -0.65 9.03 1.05
N ASP A 154 0.23 8.79 2.01
CA ASP A 154 0.85 7.47 2.28
C ASP A 154 1.16 7.60 3.77
N ILE A 155 2.21 6.96 4.28
CA ILE A 155 2.48 7.00 5.72
C ILE A 155 2.80 8.45 6.09
N GLY A 156 2.09 8.97 7.09
CA GLY A 156 2.33 10.26 7.64
C GLY A 156 1.66 11.43 6.89
N VAL A 157 0.94 11.11 5.83
CA VAL A 157 0.22 12.08 5.02
C VAL A 157 -1.23 11.67 4.91
N THR A 158 -2.08 12.42 5.61
CA THR A 158 -3.53 12.23 5.67
C THR A 158 -4.24 13.32 4.90
N GLY A 159 -5.57 13.32 4.93
CA GLY A 159 -6.33 14.42 4.34
C GLY A 159 -5.96 15.80 4.87
N ARG A 160 -5.53 15.88 6.13
CA ARG A 160 -5.07 17.14 6.73
C ARG A 160 -3.88 17.74 5.94
N GLU A 161 -2.85 16.92 5.73
CA GLU A 161 -1.67 17.35 4.97
C GLU A 161 -2.04 17.59 3.50
N VAL A 162 -2.87 16.73 2.92
CA VAL A 162 -3.32 16.96 1.52
C VAL A 162 -3.95 18.35 1.38
N GLY A 163 -4.77 18.75 2.35
CA GLY A 163 -5.36 20.04 2.37
C GLY A 163 -4.36 21.17 2.38
N PHE A 164 -3.37 21.10 3.29
CA PHE A 164 -2.40 22.18 3.36
C PHE A 164 -1.58 22.26 2.05
N LEU A 165 -1.24 21.08 1.51
CA LEU A 165 -0.52 21.00 0.24
C LEU A 165 -1.33 21.59 -0.92
N PHE A 166 -2.61 21.24 -0.98
CA PHE A 166 -3.48 21.73 -2.06
C PHE A 166 -3.63 23.23 -2.01
N GLY A 167 -3.86 23.77 -0.82
CA GLY A 167 -3.99 25.20 -0.66
C GLY A 167 -2.81 26.00 -1.20
N GLN A 168 -1.60 25.52 -0.89
CA GLN A 168 -0.39 26.23 -1.33
C GLN A 168 -0.21 26.06 -2.84
N TYR A 169 -0.52 24.87 -3.39
CA TYR A 169 -0.47 24.71 -4.85
C TYR A 169 -1.38 25.70 -5.55
N ARG A 170 -2.60 25.78 -5.08
CA ARG A 170 -3.58 26.68 -5.71
C ARG A 170 -3.10 28.13 -5.62
N LYS A 171 -2.50 28.53 -4.52
CA LYS A 171 -2.00 29.85 -4.34
C LYS A 171 -0.89 30.25 -5.33
N ILE A 172 0.08 29.35 -5.53
CA ILE A 172 1.16 29.63 -6.44
C ILE A 172 0.80 29.42 -7.90
N ARG A 173 0.21 28.29 -8.20
CA ARG A 173 -0.03 27.90 -9.59
C ARG A 173 -1.27 28.60 -10.16
N ASN A 174 -2.15 29.07 -9.28
CA ASN A 174 -3.42 29.75 -9.68
C ASN A 174 -4.23 28.86 -10.65
N GLN A 175 -4.34 27.58 -10.29
CA GLN A 175 -5.19 26.63 -10.98
CA GLN A 175 -5.15 26.59 -10.99
C GLN A 175 -5.80 25.73 -9.92
N TRP A 176 -7.08 25.43 -10.10
CA TRP A 176 -7.82 24.54 -9.19
C TRP A 176 -8.05 23.30 -10.03
N GLU A 177 -7.39 22.22 -9.68
CA GLU A 177 -7.43 21.01 -10.53
C GLU A 177 -7.11 19.77 -9.71
N GLY A 178 -7.22 18.61 -10.32
CA GLY A 178 -6.94 17.33 -9.62
C GLY A 178 -5.45 17.06 -9.56
N VAL A 179 -4.72 17.96 -8.90
CA VAL A 179 -3.26 17.80 -8.77
C VAL A 179 -2.88 16.83 -7.64
N LEU A 180 -3.79 16.66 -6.70
CA LEU A 180 -3.65 15.71 -5.60
C LEU A 180 -4.89 14.89 -5.50
N THR A 181 -4.77 13.67 -4.97
CA THR A 181 -5.93 12.92 -4.58
C THR A 181 -5.91 12.66 -3.07
N GLY A 182 -7.00 12.09 -2.55
CA GLY A 182 -7.24 12.12 -1.11
C GLY A 182 -7.75 13.45 -0.62
N LYS A 183 -8.32 14.25 -1.53
CA LYS A 183 -8.85 15.54 -1.16
C LYS A 183 -10.18 15.42 -0.38
N GLY A 184 -10.50 16.51 0.30
CA GLY A 184 -11.74 16.65 1.08
C GLY A 184 -12.99 16.65 0.23
N GLY A 185 -14.07 16.14 0.79
CA GLY A 185 -15.33 15.98 0.05
C GLY A 185 -15.88 17.23 -0.65
N SER A 186 -15.73 18.41 -0.07
CA SER A 186 -16.28 19.62 -0.67
C SER A 186 -15.34 20.28 -1.67
N TRP A 187 -14.08 19.86 -1.71
CA TRP A 187 -13.06 20.48 -2.58
C TRP A 187 -12.37 19.40 -3.43
N GLY A 188 -13.20 18.60 -4.10
CA GLY A 188 -12.79 17.66 -5.13
C GLY A 188 -12.41 16.26 -4.73
N GLY A 189 -12.73 15.86 -3.49
CA GLY A 189 -12.49 14.53 -3.04
C GLY A 189 -13.48 13.53 -3.64
N SER A 190 -13.18 12.27 -3.43
CA SER A 190 -14.06 11.19 -3.91
C SER A 190 -14.58 10.45 -2.70
N LEU A 191 -15.87 10.18 -2.71
CA LEU A 191 -16.39 9.17 -1.78
C LEU A 191 -15.63 7.86 -2.00
N ILE A 192 -15.51 7.07 -0.93
CA ILE A 192 -14.83 5.79 -0.92
C ILE A 192 -13.30 5.90 -0.95
N ARG A 193 -12.72 7.08 -1.26
CA ARG A 193 -11.26 7.13 -1.19
C ARG A 193 -10.65 6.82 0.19
N PRO A 194 -11.24 7.32 1.29
CA PRO A 194 -10.70 6.93 2.63
C PRO A 194 -10.68 5.43 2.86
N GLU A 195 -11.77 4.78 2.44
CA GLU A 195 -11.94 3.31 2.58
C GLU A 195 -11.15 2.48 1.60
N ALA A 196 -10.69 3.07 0.48
CA ALA A 196 -10.43 2.28 -0.70
C ALA A 196 -9.34 1.24 -0.56
N THR A 197 -8.22 1.58 0.06
CA THR A 197 -7.10 0.66 0.10
C THR A 197 -7.46 -0.59 0.93
N GLY A 198 -7.94 -0.32 2.13
CA GLY A 198 -8.30 -1.40 3.05
C GLY A 198 -9.45 -2.23 2.51
N TYR A 199 -10.49 -1.58 2.03
CA TYR A 199 -11.58 -2.31 1.36
C TYR A 199 -11.08 -3.18 0.25
N GLY A 200 -10.23 -2.61 -0.63
CA GLY A 200 -9.70 -3.36 -1.75
C GLY A 200 -8.90 -4.58 -1.39
N VAL A 201 -8.11 -4.50 -0.31
CA VAL A 201 -7.29 -5.61 0.12
C VAL A 201 -8.25 -6.77 0.47
N VAL A 202 -9.31 -6.42 1.18
CA VAL A 202 -10.29 -7.44 1.66
C VAL A 202 -11.07 -7.99 0.47
N TYR A 203 -11.52 -7.13 -0.46
CA TYR A 203 -12.14 -7.61 -1.69
C TYR A 203 -11.27 -8.59 -2.46
N TYR A 204 -9.97 -8.28 -2.57
CA TYR A 204 -9.04 -9.12 -3.27
C TYR A 204 -8.92 -10.50 -2.57
N VAL A 205 -8.76 -10.47 -1.26
CA VAL A 205 -8.63 -11.74 -0.49
C VAL A 205 -9.94 -12.54 -0.59
N GLU A 206 -11.10 -11.90 -0.67
CA GLU A 206 -12.34 -12.63 -0.89
C GLU A 206 -12.26 -13.50 -2.13
N HIS A 207 -11.67 -12.97 -3.20
CA HIS A 207 -11.47 -13.76 -4.40
C HIS A 207 -10.49 -14.91 -4.22
N MET A 208 -9.44 -14.67 -3.45
CA MET A 208 -8.45 -15.71 -3.17
C MET A 208 -9.14 -16.87 -2.41
N ILE A 209 -9.95 -16.52 -1.42
CA ILE A 209 -10.63 -17.53 -0.56
C ILE A 209 -11.60 -18.33 -1.44
N ALA A 210 -12.40 -17.64 -2.24
CA ALA A 210 -13.37 -18.31 -3.13
C ALA A 210 -12.70 -19.27 -4.08
N HIS A 211 -11.57 -18.86 -4.64
CA HIS A 211 -10.87 -19.71 -5.56
C HIS A 211 -10.22 -20.92 -4.88
N ALA A 212 -9.48 -20.67 -3.81
CA ALA A 212 -8.75 -21.75 -3.13
C ALA A 212 -9.69 -22.82 -2.52
N THR A 213 -10.89 -22.40 -2.12
CA THR A 213 -11.82 -23.28 -1.40
C THR A 213 -13.01 -23.68 -2.24
N ASN A 214 -12.98 -23.39 -3.55
CA ASN A 214 -14.07 -23.70 -4.47
CA ASN A 214 -14.07 -23.70 -4.48
C ASN A 214 -15.41 -23.14 -3.99
N GLY A 215 -15.37 -21.93 -3.46
CA GLY A 215 -16.57 -21.27 -2.99
C GLY A 215 -17.13 -21.74 -1.64
N GLN A 216 -16.40 -22.59 -0.92
CA GLN A 216 -16.91 -23.21 0.32
CA GLN A 216 -16.95 -23.17 0.30
C GLN A 216 -16.71 -22.31 1.53
N GLU A 217 -15.69 -21.44 1.47
CA GLU A 217 -15.39 -20.53 2.60
C GLU A 217 -15.43 -19.06 2.15
N SER A 218 -15.44 -18.17 3.11
CA SER A 218 -15.42 -16.72 2.86
C SER A 218 -14.75 -16.09 4.07
N PHE A 219 -14.86 -14.77 4.26
CA PHE A 219 -14.39 -14.15 5.49
C PHE A 219 -15.29 -14.50 6.68
N LYS A 220 -16.51 -14.95 6.43
CA LYS A 220 -17.44 -15.24 7.52
C LYS A 220 -16.83 -16.29 8.47
N GLY A 221 -16.72 -15.93 9.74
CA GLY A 221 -16.08 -16.81 10.72
C GLY A 221 -14.57 -16.87 10.76
N LYS A 222 -13.85 -16.17 9.86
CA LYS A 222 -12.38 -16.21 9.87
C LYS A 222 -11.79 -15.21 10.86
N ARG A 223 -10.63 -15.56 11.40
CA ARG A 223 -9.86 -14.70 12.26
C ARG A 223 -8.75 -14.04 11.40
N VAL A 224 -8.66 -12.73 11.51
CA VAL A 224 -7.79 -11.91 10.63
C VAL A 224 -6.85 -11.09 11.51
N ALA A 225 -5.54 -11.31 11.38
CA ALA A 225 -4.55 -10.54 12.09
C ALA A 225 -4.13 -9.39 11.15
N ILE A 226 -4.22 -8.18 11.64
CA ILE A 226 -3.85 -6.95 10.91
C ILE A 226 -2.72 -6.29 11.71
N SER A 227 -1.79 -5.65 10.98
CA SER A 227 -0.78 -4.79 11.59
C SER A 227 -0.97 -3.35 11.08
N GLY A 228 -0.41 -2.43 11.83
CA GLY A 228 -0.72 -1.02 11.66
C GLY A 228 -2.07 -0.66 12.22
N SER A 229 -2.31 0.64 12.31
CA SER A 229 -3.53 1.19 12.83
C SER A 229 -3.87 2.52 12.16
N GLY A 230 -3.38 2.70 10.92
CA GLY A 230 -3.66 3.89 10.18
C GLY A 230 -4.72 3.66 9.12
N ASN A 231 -4.63 4.39 8.02
CA ASN A 231 -5.67 4.36 7.03
C ASN A 231 -5.96 2.97 6.46
N VAL A 232 -4.94 2.22 6.10
CA VAL A 232 -5.13 0.92 5.42
C VAL A 232 -5.69 -0.10 6.47
N ALA A 233 -5.08 -0.10 7.63
CA ALA A 233 -5.46 -1.09 8.69
C ALA A 233 -6.89 -0.86 9.15
N GLN A 234 -7.25 0.41 9.40
CA GLN A 234 -8.57 0.77 9.86
C GLN A 234 -9.68 0.27 8.97
N TYR A 235 -9.57 0.54 7.65
CA TYR A 235 -10.67 0.19 6.76
C TYR A 235 -10.64 -1.25 6.31
N ALA A 236 -9.46 -1.89 6.27
CA ALA A 236 -9.39 -3.32 6.09
C ALA A 236 -10.17 -3.99 7.27
N ALA A 237 -9.92 -3.50 8.48
CA ALA A 237 -10.60 -4.03 9.68
C ALA A 237 -12.10 -3.88 9.58
N LEU A 238 -12.55 -2.68 9.21
CA LEU A 238 -13.96 -2.42 9.01
C LEU A 238 -14.63 -3.31 8.00
N LYS A 239 -13.96 -3.58 6.86
CA LYS A 239 -14.54 -4.42 5.86
C LYS A 239 -14.62 -5.88 6.34
N VAL A 240 -13.56 -6.35 6.97
CA VAL A 240 -13.55 -7.72 7.56
C VAL A 240 -14.75 -7.88 8.47
N ILE A 241 -14.96 -6.91 9.36
CA ILE A 241 -16.08 -6.97 10.33
C ILE A 241 -17.42 -7.01 9.60
N GLU A 242 -17.59 -6.14 8.61
CA GLU A 242 -18.77 -6.14 7.81
C GLU A 242 -19.07 -7.51 7.13
N LEU A 243 -18.03 -8.23 6.71
CA LEU A 243 -18.19 -9.49 6.05
C LEU A 243 -18.36 -10.70 7.05
N GLY A 244 -18.39 -10.39 8.33
CA GLY A 244 -18.56 -11.41 9.39
C GLY A 244 -17.28 -12.07 9.86
N GLY A 245 -16.14 -11.46 9.56
CA GLY A 245 -14.86 -11.95 10.05
C GLY A 245 -14.54 -11.29 11.38
N SER A 246 -13.53 -11.83 12.07
CA SER A 246 -13.05 -11.25 13.32
CA SER A 246 -13.08 -11.21 13.31
C SER A 246 -11.68 -10.62 13.11
N VAL A 247 -11.52 -9.37 13.53
CA VAL A 247 -10.23 -8.71 13.52
C VAL A 247 -9.57 -8.89 14.88
N VAL A 248 -8.47 -9.61 14.91
CA VAL A 248 -7.83 -10.02 16.18
C VAL A 248 -6.59 -9.27 16.56
N SER A 249 -6.15 -8.31 15.72
CA SER A 249 -5.01 -7.50 16.10
C SER A 249 -5.01 -6.21 15.27
N LEU A 250 -4.45 -5.19 15.88
CA LEU A 250 -3.92 -3.98 15.20
C LEU A 250 -2.57 -3.64 15.86
N SER A 251 -1.77 -2.76 15.26
CA SER A 251 -0.48 -2.41 15.86
C SER A 251 -0.01 -1.02 15.40
N ASP A 252 1.01 -0.52 16.05
CA ASP A 252 1.70 0.70 15.59
C ASP A 252 3.17 0.51 15.78
N SER A 253 3.96 1.58 15.68
CA SER A 253 5.41 1.43 15.71
C SER A 253 5.94 1.08 17.12
N GLN A 254 5.11 1.28 18.15
CA GLN A 254 5.53 1.04 19.55
CA GLN A 254 5.57 1.01 19.53
C GLN A 254 5.03 -0.29 20.12
N GLY A 255 4.00 -0.88 19.54
CA GLY A 255 3.51 -2.21 20.04
C GLY A 255 2.28 -2.71 19.35
N SER A 256 1.76 -3.86 19.79
CA SER A 256 0.58 -4.49 19.21
C SER A 256 -0.55 -4.52 20.23
N LEU A 257 -1.78 -4.37 19.76
CA LEU A 257 -2.98 -4.43 20.57
C LEU A 257 -3.74 -5.63 20.01
N ILE A 258 -3.82 -6.69 20.81
N ILE A 258 -3.77 -6.71 20.78
CA ILE A 258 -4.33 -7.98 20.34
CA ILE A 258 -4.37 -7.94 20.29
C ILE A 258 -5.58 -8.38 21.12
C ILE A 258 -5.64 -8.30 21.09
N ILE A 259 -6.53 -9.04 20.44
CA ILE A 259 -7.75 -9.53 21.07
C ILE A 259 -7.30 -10.73 21.92
N ASN A 260 -7.76 -10.75 23.16
CA ASN A 260 -7.35 -11.81 24.10
C ASN A 260 -8.43 -12.89 24.04
N GLY A 261 -8.17 -13.96 23.30
CA GLY A 261 -9.15 -15.01 23.04
C GLY A 261 -9.93 -14.83 21.75
N GLU A 262 -11.14 -15.36 21.75
CA GLU A 262 -12.08 -15.21 20.66
C GLU A 262 -12.75 -13.85 20.82
N GLY A 263 -13.01 -13.19 19.70
CA GLY A 263 -13.62 -11.89 19.72
C GLY A 263 -13.04 -11.06 18.56
N SER A 264 -13.40 -9.81 18.56
CA SER A 264 -13.02 -8.90 17.45
C SER A 264 -13.00 -7.49 17.93
N PHE A 265 -12.14 -6.67 17.31
CA PHE A 265 -12.42 -5.24 17.34
C PHE A 265 -13.79 -4.98 16.77
N THR A 266 -14.43 -3.93 17.29
CA THR A 266 -15.68 -3.45 16.80
C THR A 266 -15.48 -2.13 16.00
N PRO A 267 -16.48 -1.72 15.22
CA PRO A 267 -16.37 -0.41 14.54
C PRO A 267 -16.22 0.78 15.47
N GLU A 268 -16.85 0.71 16.63
CA GLU A 268 -16.74 1.79 17.59
C GLU A 268 -15.32 1.89 18.16
N GLU A 269 -14.68 0.74 18.43
CA GLU A 269 -13.30 0.71 18.89
C GLU A 269 -12.32 1.25 17.79
N ILE A 270 -12.59 0.87 16.57
CA ILE A 270 -11.76 1.33 15.44
CA ILE A 270 -11.75 1.32 15.42
C ILE A 270 -11.82 2.86 15.31
N GLU A 271 -13.01 3.43 15.50
CA GLU A 271 -13.17 4.88 15.44
C GLU A 271 -12.41 5.58 16.56
N LEU A 272 -12.38 5.01 17.78
CA LEU A 272 -11.57 5.58 18.82
C LEU A 272 -10.08 5.57 18.50
N ILE A 273 -9.62 4.47 17.91
CA ILE A 273 -8.25 4.32 17.50
C ILE A 273 -7.97 5.34 16.36
N ALA A 274 -8.90 5.44 15.43
CA ALA A 274 -8.78 6.46 14.32
C ALA A 274 -8.58 7.88 14.88
N GLN A 275 -9.40 8.23 15.85
N GLN A 275 -9.38 8.28 15.86
CA GLN A 275 -9.33 9.50 16.55
CA GLN A 275 -9.22 9.62 16.45
C GLN A 275 -7.97 9.76 17.20
C GLN A 275 -7.90 9.80 17.19
N THR A 276 -7.45 8.75 17.89
CA THR A 276 -6.14 8.78 18.49
C THR A 276 -5.00 9.01 17.47
N LYS A 277 -5.12 8.36 16.33
CA LYS A 277 -4.09 8.47 15.28
C LYS A 277 -4.17 9.82 14.56
N VAL A 278 -5.37 10.39 14.45
CA VAL A 278 -5.51 11.76 13.93
C VAL A 278 -4.69 12.71 14.78
N GLU A 279 -4.71 12.50 16.10
CA GLU A 279 -3.94 13.31 17.06
C GLU A 279 -2.47 12.91 17.17
N ARG A 280 -2.04 11.93 16.38
CA ARG A 280 -0.67 11.46 16.28
C ARG A 280 -0.17 10.87 17.60
N LYS A 281 -1.06 10.13 18.25
CA LYS A 281 -0.78 9.49 19.55
CA LYS A 281 -0.74 9.49 19.54
C LYS A 281 -0.68 8.00 19.34
N GLN A 282 -0.02 7.31 20.27
CA GLN A 282 0.22 5.88 20.17
C GLN A 282 -0.90 5.06 20.83
N LEU A 283 -1.03 3.82 20.41
CA LEU A 283 -1.96 2.84 21.05
C LEU A 283 -1.64 2.74 22.56
N ALA A 284 -0.36 2.76 22.89
CA ALA A 284 0.09 2.77 24.30
C ALA A 284 -0.57 3.84 25.16
N SER A 285 -0.96 4.98 24.57
CA SER A 285 -1.56 6.07 25.30
C SER A 285 -3.05 5.88 25.61
N ILE A 286 -3.70 4.88 25.00
CA ILE A 286 -5.14 4.69 25.26
C ILE A 286 -5.46 3.36 25.98
N VAL A 287 -4.46 2.54 26.21
CA VAL A 287 -4.70 1.24 26.89
C VAL A 287 -4.90 1.39 28.40
N GLY A 288 -4.66 2.58 28.95
CA GLY A 288 -4.91 2.86 30.37
C GLY A 288 -6.33 3.25 30.72
N ALA A 289 -7.21 3.34 29.73
CA ALA A 289 -8.61 3.73 29.96
C ALA A 289 -9.52 2.89 29.12
N ALA A 290 -10.82 2.91 29.44
CA ALA A 290 -11.82 2.14 28.75
C ALA A 290 -11.94 2.60 27.28
N PRO A 291 -12.20 1.72 26.33
CA PRO A 291 -12.43 0.27 26.51
C PRO A 291 -11.18 -0.59 26.51
N PHE A 292 -10.05 -0.01 26.14
CA PHE A 292 -8.86 -0.79 25.86
C PHE A 292 -8.11 -1.27 27.10
N SER A 293 -8.45 -0.72 28.26
CA SER A 293 -7.93 -1.20 29.57
C SER A 293 -8.60 -2.50 30.03
N ASP A 294 -9.65 -2.95 29.34
CA ASP A 294 -10.26 -4.24 29.62
C ASP A 294 -9.34 -5.36 29.20
N ALA A 295 -8.57 -5.88 30.17
CA ALA A 295 -7.61 -6.95 29.91
C ALA A 295 -8.21 -8.29 29.52
N ASN A 296 -9.51 -8.49 29.72
CA ASN A 296 -10.25 -9.67 29.24
CA ASN A 296 -10.07 -9.74 29.21
C ASN A 296 -10.35 -9.66 27.72
N LYS A 297 -10.52 -8.45 27.17
CA LYS A 297 -10.67 -8.29 25.69
C LYS A 297 -9.35 -7.96 24.99
N PHE A 298 -8.54 -7.10 25.60
CA PHE A 298 -7.32 -6.56 24.96
C PHE A 298 -6.04 -6.83 25.71
N LYS A 299 -5.01 -7.19 24.95
CA LYS A 299 -3.67 -7.33 25.45
C LYS A 299 -2.75 -6.40 24.63
N TYR A 300 -2.17 -5.42 25.28
CA TYR A 300 -1.16 -4.54 24.65
C TYR A 300 0.22 -5.12 24.91
N ILE A 301 0.99 -5.35 23.84
CA ILE A 301 2.34 -5.89 23.93
C ILE A 301 3.33 -4.90 23.33
N ALA A 302 4.06 -4.23 24.23
CA ALA A 302 5.06 -3.25 23.87
C ALA A 302 6.20 -3.88 23.08
N GLY A 303 6.58 -3.22 21.97
CA GLY A 303 7.70 -3.63 21.19
C GLY A 303 7.48 -4.79 20.23
N ALA A 304 6.26 -5.32 20.17
CA ALA A 304 5.99 -6.51 19.39
C ALA A 304 5.19 -6.22 18.13
N ARG A 305 5.36 -7.09 17.16
CA ARG A 305 4.46 -7.27 16.03
C ARG A 305 3.42 -8.31 16.42
N PRO A 306 2.28 -8.34 15.71
CA PRO A 306 1.20 -9.18 16.26
C PRO A 306 1.28 -10.67 15.93
N TRP A 307 2.12 -11.05 14.96
CA TRP A 307 1.99 -12.32 14.24
C TRP A 307 2.14 -13.55 15.20
N VAL A 308 3.11 -13.48 16.10
CA VAL A 308 3.37 -14.61 17.02
C VAL A 308 2.49 -14.62 18.27
N HIS A 309 1.66 -13.59 18.47
CA HIS A 309 0.89 -13.40 19.69
C HIS A 309 -0.61 -13.60 19.51
N VAL A 310 -1.08 -13.77 18.27
CA VAL A 310 -2.53 -13.86 18.02
C VAL A 310 -3.07 -15.30 18.13
N GLY A 311 -2.19 -16.28 18.35
CA GLY A 311 -2.61 -17.68 18.33
C GLY A 311 -3.00 -18.13 16.95
N LYS A 312 -4.08 -18.91 16.84
CA LYS A 312 -4.56 -19.42 15.57
CA LYS A 312 -4.56 -19.42 15.56
C LYS A 312 -5.19 -18.27 14.77
N VAL A 313 -4.85 -18.19 13.49
CA VAL A 313 -5.42 -17.20 12.58
CA VAL A 313 -5.37 -17.18 12.58
C VAL A 313 -5.56 -17.78 11.19
N ASP A 314 -6.50 -17.22 10.44
N ASP A 314 -6.56 -17.31 10.44
CA ASP A 314 -6.90 -17.70 9.12
CA ASP A 314 -6.79 -17.78 9.06
C ASP A 314 -6.42 -16.83 7.93
C ASP A 314 -6.11 -16.86 8.00
N VAL A 315 -6.21 -15.55 8.23
CA VAL A 315 -5.78 -14.52 7.23
C VAL A 315 -4.87 -13.54 7.96
N ALA A 316 -3.76 -13.15 7.30
CA ALA A 316 -2.92 -12.08 7.81
C ALA A 316 -2.84 -10.94 6.74
N LEU A 317 -3.04 -9.72 7.20
CA LEU A 317 -3.01 -8.50 6.34
C LEU A 317 -2.03 -7.49 6.92
N PRO A 318 -0.73 -7.68 6.66
CA PRO A 318 0.20 -6.66 7.11
C PRO A 318 -0.12 -5.30 6.41
N SER A 319 -0.30 -4.26 7.22
CA SER A 319 -0.88 -2.98 6.74
C SER A 319 -0.18 -1.77 7.35
N ALA A 320 1.09 -1.94 7.73
CA ALA A 320 1.85 -0.89 8.38
C ALA A 320 2.99 -0.33 7.48
N THR A 321 3.96 -1.17 7.16
CA THR A 321 5.22 -0.72 6.59
C THR A 321 5.97 -1.87 5.92
N GLN A 322 7.06 -1.56 5.21
CA GLN A 322 7.82 -2.57 4.52
C GLN A 322 8.57 -3.52 5.52
N ASN A 323 8.73 -4.77 5.11
CA ASN A 323 9.61 -5.72 5.82
C ASN A 323 9.15 -5.97 7.25
N GLU A 324 7.82 -6.06 7.41
CA GLU A 324 7.21 -6.25 8.73
C GLU A 324 6.77 -7.69 9.06
N ILE A 325 6.96 -8.60 8.10
CA ILE A 325 6.83 -10.06 8.37
C ILE A 325 8.18 -10.73 8.07
N SER A 326 8.88 -11.15 9.12
CA SER A 326 10.16 -11.84 8.97
C SER A 326 9.96 -13.30 8.49
N GLY A 327 11.05 -13.94 8.10
CA GLY A 327 11.00 -15.39 7.76
C GLY A 327 10.48 -16.23 8.95
N GLU A 328 10.91 -15.91 10.16
CA GLU A 328 10.44 -16.66 11.32
CA GLU A 328 10.44 -16.61 11.38
C GLU A 328 8.95 -16.42 11.57
N GLU A 329 8.50 -15.17 11.46
CA GLU A 329 7.08 -14.86 11.59
C GLU A 329 6.23 -15.54 10.55
N ALA A 330 6.74 -15.68 9.33
CA ALA A 330 6.02 -16.35 8.26
C ALA A 330 5.75 -17.83 8.66
N GLN A 331 6.78 -18.46 9.19
CA GLN A 331 6.62 -19.89 9.64
C GLN A 331 5.63 -20.04 10.78
N VAL A 332 5.67 -19.11 11.74
CA VAL A 332 4.70 -19.07 12.84
C VAL A 332 3.29 -18.92 12.31
N LEU A 333 3.08 -18.04 11.31
CA LEU A 333 1.75 -17.89 10.77
C LEU A 333 1.29 -19.18 10.07
N ILE A 334 2.17 -19.84 9.34
CA ILE A 334 1.85 -21.11 8.70
C ILE A 334 1.44 -22.14 9.81
N ASN A 335 2.23 -22.19 10.87
CA ASN A 335 1.96 -23.12 12.00
C ASN A 335 0.64 -22.80 12.70
N ALA A 336 0.23 -21.52 12.69
CA ALA A 336 -1.03 -21.08 13.26
C ALA A 336 -2.26 -21.30 12.40
N GLY A 337 -2.07 -21.92 11.26
CA GLY A 337 -3.16 -22.24 10.36
C GLY A 337 -3.47 -21.18 9.31
N CYS A 338 -2.60 -20.16 9.20
CA CYS A 338 -2.85 -19.05 8.23
C CYS A 338 -2.80 -19.61 6.82
N LYS A 339 -3.88 -19.39 6.05
CA LYS A 339 -3.96 -19.84 4.66
C LYS A 339 -3.98 -18.70 3.62
N PHE A 340 -4.09 -17.45 4.08
CA PHE A 340 -4.15 -16.29 3.13
C PHE A 340 -3.34 -15.18 3.72
N ILE A 341 -2.40 -14.64 2.92
CA ILE A 341 -1.63 -13.52 3.40
C ILE A 341 -1.58 -12.52 2.21
N ALA A 342 -2.09 -11.32 2.45
CA ALA A 342 -2.10 -10.27 1.40
C ALA A 342 -1.49 -9.01 1.97
N GLU A 343 -0.64 -8.34 1.19
CA GLU A 343 0.01 -7.13 1.66
C GLU A 343 -0.87 -5.90 1.50
N GLY A 344 -1.34 -5.33 2.60
CA GLY A 344 -1.85 -3.95 2.61
C GLY A 344 -0.67 -2.98 2.51
N SER A 345 0.38 -3.22 3.28
CA SER A 345 1.58 -2.39 3.20
C SER A 345 2.39 -2.69 1.93
N ASN A 346 3.07 -1.67 1.39
CA ASN A 346 3.98 -1.89 0.30
C ASN A 346 5.24 -2.67 0.77
N MET A 347 5.53 -3.74 0.07
CA MET A 347 6.64 -4.65 0.37
C MET A 347 6.59 -5.13 1.86
N GLY A 348 5.38 -5.39 2.34
CA GLY A 348 5.16 -5.76 3.74
C GLY A 348 5.95 -7.02 4.17
N CYS A 349 6.02 -8.01 3.29
CA CYS A 349 6.82 -9.22 3.59
C CYS A 349 8.28 -9.09 3.25
N THR A 350 9.13 -9.54 4.17
CA THR A 350 10.55 -9.79 3.82
C THR A 350 10.66 -10.83 2.74
N GLN A 351 11.81 -10.81 2.05
CA GLN A 351 12.08 -11.79 1.00
C GLN A 351 12.05 -13.23 1.61
N GLU A 352 12.54 -13.36 2.83
CA GLU A 352 12.52 -14.68 3.55
C GLU A 352 11.09 -15.17 3.74
N ALA A 353 10.19 -14.24 4.11
CA ALA A 353 8.78 -14.57 4.24
C ALA A 353 8.18 -14.99 2.94
N ILE A 354 8.44 -14.23 1.88
CA ILE A 354 7.91 -14.56 0.58
C ILE A 354 8.36 -15.96 0.15
N ASP A 355 9.64 -16.23 0.30
CA ASP A 355 10.22 -17.53 -0.10
C ASP A 355 9.56 -18.68 0.67
N THR A 356 9.31 -18.44 1.94
CA THR A 356 8.62 -19.41 2.82
C THR A 356 7.20 -19.66 2.34
N PHE A 357 6.45 -18.60 2.05
CA PHE A 357 5.09 -18.74 1.57
C PHE A 357 5.01 -19.44 0.23
N GLU A 358 5.90 -19.07 -0.69
CA GLU A 358 5.89 -19.62 -2.02
C GLU A 358 6.34 -21.12 -2.05
N ALA A 359 7.31 -21.47 -1.23
CA ALA A 359 7.71 -22.90 -1.05
C ALA A 359 6.55 -23.73 -0.49
N HIS A 360 5.82 -23.17 0.46
CA HIS A 360 4.64 -23.81 1.03
C HIS A 360 3.55 -24.04 0.01
N ARG A 361 3.28 -23.02 -0.82
CA ARG A 361 2.32 -23.17 -1.91
C ARG A 361 2.70 -24.29 -2.86
N THR A 362 3.98 -24.36 -3.25
CA THR A 362 4.49 -25.36 -4.20
CA THR A 362 4.38 -25.39 -4.23
C THR A 362 4.41 -26.79 -3.61
N ALA A 363 4.60 -26.88 -2.29
CA ALA A 363 4.62 -28.18 -1.58
C ALA A 363 3.25 -28.73 -1.16
N ASN A 364 2.20 -27.91 -1.17
CA ASN A 364 0.89 -28.27 -0.58
C ASN A 364 -0.25 -27.99 -1.52
N ALA A 365 -0.90 -29.03 -2.02
CA ALA A 365 -1.97 -28.88 -3.00
C ALA A 365 -3.18 -28.12 -2.48
N GLY A 366 -3.76 -27.30 -3.36
CA GLY A 366 -5.04 -26.65 -3.12
C GLY A 366 -5.12 -25.84 -1.85
N ALA A 367 -6.24 -25.99 -1.14
CA ALA A 367 -6.51 -25.24 0.07
C ALA A 367 -5.60 -25.54 1.27
N ALA A 368 -4.73 -26.53 1.19
CA ALA A 368 -3.73 -26.77 2.22
C ALA A 368 -2.60 -25.74 2.21
N ALA A 369 -2.42 -25.03 1.10
CA ALA A 369 -1.35 -24.03 0.96
C ALA A 369 -1.74 -22.71 1.57
N ILE A 370 -0.75 -22.02 2.13
CA ILE A 370 -0.83 -20.57 2.38
C ILE A 370 -0.61 -19.85 1.03
N TRP A 371 -1.54 -18.95 0.69
CA TRP A 371 -1.48 -18.26 -0.59
C TRP A 371 -1.14 -16.78 -0.28
N TYR A 372 -0.04 -16.34 -0.89
CA TYR A 372 0.53 -15.00 -0.72
C TYR A 372 0.15 -14.12 -1.94
N ALA A 373 -0.42 -12.95 -1.67
CA ALA A 373 -0.70 -11.94 -2.71
C ALA A 373 0.16 -10.70 -2.42
N PRO A 374 0.90 -10.21 -3.42
CA PRO A 374 1.76 -9.04 -3.26
C PRO A 374 0.94 -7.74 -3.20
N GLY A 375 1.52 -6.73 -2.57
CA GLY A 375 0.89 -5.44 -2.39
C GLY A 375 0.47 -4.81 -3.71
N LYS A 376 1.29 -4.98 -4.74
CA LYS A 376 0.97 -4.36 -6.02
C LYS A 376 -0.34 -4.87 -6.59
N ALA A 377 -0.78 -6.07 -6.18
CA ALA A 377 -2.10 -6.53 -6.55
C ALA A 377 -3.14 -6.15 -5.50
N ALA A 378 -2.89 -6.52 -4.24
CA ALA A 378 -3.91 -6.46 -3.23
C ALA A 378 -4.23 -5.05 -2.72
N ASN A 379 -3.22 -4.15 -2.72
CA ASN A 379 -3.40 -2.82 -2.16
C ASN A 379 -3.67 -1.74 -3.24
N ALA A 380 -3.85 -2.18 -4.47
CA ALA A 380 -4.09 -1.31 -5.63
C ALA A 380 -5.41 -0.58 -5.61
N GLY A 381 -6.32 -0.93 -4.69
CA GLY A 381 -7.59 -0.24 -4.61
C GLY A 381 -7.48 1.25 -4.28
N GLY A 382 -6.45 1.64 -3.53
CA GLY A 382 -6.28 3.03 -3.12
C GLY A 382 -5.97 3.88 -4.33
N VAL A 383 -4.93 3.50 -5.02
CA VAL A 383 -4.55 4.23 -6.25
C VAL A 383 -5.64 4.15 -7.33
N ALA A 384 -6.36 3.03 -7.46
CA ALA A 384 -7.46 2.92 -8.36
C ALA A 384 -8.52 3.96 -8.04
N VAL A 385 -8.91 4.08 -6.77
CA VAL A 385 -9.91 5.10 -6.41
C VAL A 385 -9.33 6.52 -6.55
N SER A 386 -8.02 6.70 -6.31
CA SER A 386 -7.36 7.97 -6.70
C SER A 386 -7.55 8.29 -8.19
N GLY A 387 -7.42 7.29 -9.06
CA GLY A 387 -7.69 7.46 -10.47
C GLY A 387 -9.11 7.89 -10.74
N LEU A 388 -10.04 7.34 -9.98
CA LEU A 388 -11.44 7.73 -10.09
C LEU A 388 -11.71 9.11 -9.55
N GLU A 389 -10.96 9.53 -8.56
CA GLU A 389 -11.03 10.90 -8.06
C GLU A 389 -10.55 11.84 -9.19
N MET A 390 -9.44 11.49 -9.85
CA MET A 390 -8.98 12.25 -11.05
C MET A 390 -10.08 12.33 -12.13
N ALA A 391 -10.72 11.19 -12.39
CA ALA A 391 -11.82 11.11 -13.34
C ALA A 391 -12.97 12.02 -12.97
N GLN A 392 -13.36 12.00 -11.72
CA GLN A 392 -14.42 12.89 -11.23
C GLN A 392 -14.03 14.38 -11.37
N ASN A 393 -12.79 14.70 -11.01
CA ASN A 393 -12.33 16.08 -11.08
C ASN A 393 -12.32 16.53 -12.55
N SER A 394 -11.89 15.66 -13.47
CA SER A 394 -11.88 16.01 -14.90
C SER A 394 -13.30 16.15 -15.46
N ALA A 395 -14.24 15.36 -14.96
CA ALA A 395 -15.66 15.50 -15.31
C ALA A 395 -16.35 16.68 -14.65
N ARG A 396 -15.74 17.21 -13.58
CA ARG A 396 -16.31 18.30 -12.77
CA ARG A 396 -16.31 18.30 -12.78
C ARG A 396 -17.61 17.90 -12.08
N LEU A 397 -17.71 16.62 -11.70
CA LEU A 397 -18.88 16.07 -11.05
C LEU A 397 -18.41 15.12 -9.95
N SER A 398 -19.32 14.78 -9.05
CA SER A 398 -19.02 13.89 -7.94
C SER A 398 -19.92 12.68 -8.02
N TRP A 399 -19.34 11.50 -7.92
CA TRP A 399 -20.08 10.24 -8.02
C TRP A 399 -20.57 9.80 -6.65
N THR A 400 -21.52 8.88 -6.63
CA THR A 400 -22.02 8.35 -5.34
C THR A 400 -21.06 7.34 -4.73
N SER A 401 -21.23 7.07 -3.43
CA SER A 401 -20.47 6.01 -2.75
CA SER A 401 -20.48 6.03 -2.75
C SER A 401 -20.67 4.69 -3.45
N GLU A 402 -21.91 4.40 -3.82
CA GLU A 402 -22.22 3.14 -4.49
C GLU A 402 -21.55 2.97 -5.83
N GLU A 403 -21.48 4.06 -6.60
CA GLU A 403 -20.82 4.04 -7.90
C GLU A 403 -19.31 3.79 -7.77
N VAL A 404 -18.66 4.48 -6.83
CA VAL A 404 -17.22 4.31 -6.65
C VAL A 404 -16.89 2.91 -6.14
N ASP A 405 -17.65 2.46 -5.14
CA ASP A 405 -17.44 1.14 -4.55
C ASP A 405 -17.64 0.02 -5.58
N ALA A 406 -18.65 0.15 -6.41
CA ALA A 406 -18.87 -0.83 -7.50
C ALA A 406 -17.71 -0.90 -8.45
N ARG A 407 -17.16 0.27 -8.85
CA ARG A 407 -15.97 0.26 -9.68
C ARG A 407 -14.77 -0.35 -8.98
N LEU A 408 -14.59 -0.04 -7.68
CA LEU A 408 -13.51 -0.60 -6.89
C LEU A 408 -13.59 -2.13 -6.87
N LYS A 409 -14.79 -2.67 -6.64
CA LYS A 409 -14.97 -4.13 -6.66
C LYS A 409 -14.60 -4.75 -8.00
N ASP A 410 -15.03 -4.14 -9.10
CA ASP A 410 -14.67 -4.63 -10.41
C ASP A 410 -13.16 -4.59 -10.67
N ILE A 411 -12.50 -3.51 -10.26
CA ILE A 411 -11.06 -3.40 -10.43
C ILE A 411 -10.31 -4.48 -9.65
N MET A 412 -10.70 -4.72 -8.41
CA MET A 412 -10.02 -5.73 -7.60
C MET A 412 -10.24 -7.15 -8.18
N ARG A 413 -11.46 -7.43 -8.65
CA ARG A 413 -11.77 -8.72 -9.31
CA ARG A 413 -11.78 -8.70 -9.30
C ARG A 413 -10.92 -8.92 -10.55
N ASP A 414 -10.84 -7.91 -11.41
CA ASP A 414 -10.05 -8.00 -12.62
C ASP A 414 -8.56 -8.15 -12.31
N CYS A 415 -8.09 -7.48 -11.24
CA CYS A 415 -6.69 -7.57 -10.87
C CYS A 415 -6.35 -9.00 -10.43
N PHE A 416 -7.20 -9.56 -9.60
CA PHE A 416 -7.03 -10.96 -9.18
C PHE A 416 -7.00 -11.90 -10.39
N LYS A 417 -7.99 -11.79 -11.24
CA LYS A 417 -8.09 -12.66 -12.44
C LYS A 417 -6.87 -12.54 -13.35
N ASN A 418 -6.39 -11.31 -13.52
CA ASN A 418 -5.22 -11.08 -14.33
C ASN A 418 -3.99 -11.79 -13.75
N GLY A 419 -3.75 -11.66 -12.44
CA GLY A 419 -2.62 -12.28 -11.81
C GLY A 419 -2.73 -13.82 -11.90
N LEU A 420 -3.92 -14.33 -11.60
CA LEU A 420 -4.18 -15.77 -11.62
C LEU A 420 -3.94 -16.34 -13.02
N GLU A 421 -4.58 -15.74 -14.02
CA GLU A 421 -4.48 -16.23 -15.40
C GLU A 421 -3.11 -16.06 -16.00
N THR A 422 -2.40 -14.97 -15.65
CA THR A 422 -1.06 -14.77 -16.15
C THR A 422 -0.10 -15.79 -15.58
N ALA A 423 -0.25 -16.12 -14.30
CA ALA A 423 0.61 -17.14 -13.69
C ALA A 423 0.29 -18.53 -14.34
N GLN A 424 -0.99 -18.80 -14.60
CA GLN A 424 -1.37 -20.07 -15.22
CA GLN A 424 -1.43 -20.05 -15.24
C GLN A 424 -0.76 -20.22 -16.60
N GLU A 425 -0.59 -19.10 -17.32
CA GLU A 425 0.01 -19.09 -18.64
C GLU A 425 1.54 -19.15 -18.63
N TYR A 426 2.19 -18.30 -17.84
CA TYR A 426 3.65 -18.17 -17.88
C TYR A 426 4.44 -18.92 -16.84
N ALA A 427 3.78 -19.38 -15.79
CA ALA A 427 4.45 -20.05 -14.69
C ALA A 427 3.54 -21.18 -14.18
N THR A 428 3.14 -22.03 -15.11
CA THR A 428 2.06 -22.99 -14.88
C THR A 428 2.42 -23.87 -13.69
N PRO A 429 1.55 -23.91 -12.66
CA PRO A 429 1.88 -24.75 -11.52
C PRO A 429 1.59 -26.25 -11.80
N ALA A 430 2.19 -27.14 -11.00
CA ALA A 430 1.78 -28.58 -10.98
C ALA A 430 0.28 -28.73 -10.75
N GLU A 431 -0.30 -29.81 -11.29
CA GLU A 431 -1.73 -30.15 -11.04
C GLU A 431 -2.09 -30.04 -9.57
N GLY A 432 -3.19 -29.34 -9.30
CA GLY A 432 -3.67 -29.12 -7.94
C GLY A 432 -2.98 -28.02 -7.13
N VAL A 433 -1.91 -27.43 -7.65
CA VAL A 433 -1.15 -26.40 -6.93
C VAL A 433 -1.71 -25.01 -7.34
N LEU A 434 -1.90 -24.14 -6.36
CA LEU A 434 -2.38 -22.77 -6.63
C LEU A 434 -1.34 -22.03 -7.47
N PRO A 435 -1.78 -21.27 -8.49
CA PRO A 435 -0.81 -20.47 -9.24
C PRO A 435 -0.20 -19.35 -8.34
N SER A 436 1.02 -18.91 -8.65
CA SER A 436 1.67 -17.83 -7.91
C SER A 436 1.07 -16.48 -8.33
N LEU A 437 0.37 -15.86 -7.37
CA LEU A 437 -0.19 -14.51 -7.59
C LEU A 437 0.92 -13.46 -7.64
N VAL A 438 2.02 -13.68 -6.92
CA VAL A 438 3.16 -12.74 -7.04
C VAL A 438 3.81 -12.81 -8.42
N THR A 439 4.10 -14.01 -8.91
CA THR A 439 4.60 -14.14 -10.26
C THR A 439 3.62 -13.62 -11.31
N GLY A 440 2.37 -14.00 -11.20
CA GLY A 440 1.35 -13.58 -12.17
C GLY A 440 1.17 -12.05 -12.24
N SER A 441 1.07 -11.44 -11.07
CA SER A 441 0.87 -9.98 -10.95
C SER A 441 2.08 -9.24 -11.50
N ASN A 442 3.27 -9.69 -11.14
CA ASN A 442 4.49 -9.09 -11.64
C ASN A 442 4.59 -9.16 -13.15
N ILE A 443 4.35 -10.34 -13.73
CA ILE A 443 4.40 -10.46 -15.19
C ILE A 443 3.32 -9.60 -15.85
N ALA A 444 2.10 -9.62 -15.31
CA ALA A 444 1.01 -8.89 -15.95
C ALA A 444 1.30 -7.35 -15.96
N GLY A 445 1.75 -6.84 -14.83
CA GLY A 445 2.09 -5.41 -14.74
C GLY A 445 3.28 -5.02 -15.57
N PHE A 446 4.35 -5.82 -15.50
CA PHE A 446 5.56 -5.54 -16.25
C PHE A 446 5.35 -5.56 -17.74
N THR A 447 4.66 -6.58 -18.27
CA THR A 447 4.49 -6.68 -19.70
C THR A 447 3.67 -5.50 -20.25
N LYS A 448 2.64 -5.08 -19.52
CA LYS A 448 1.81 -3.98 -19.97
C LYS A 448 2.69 -2.70 -20.09
N VAL A 449 3.51 -2.45 -19.07
CA VAL A 449 4.41 -1.28 -19.09
C VAL A 449 5.47 -1.40 -20.18
N ALA A 450 6.10 -2.58 -20.29
CA ALA A 450 7.18 -2.79 -21.22
C ALA A 450 6.71 -2.59 -22.66
N ALA A 451 5.53 -3.11 -22.97
CA ALA A 451 4.99 -2.99 -24.32
C ALA A 451 4.63 -1.51 -24.64
N ALA A 452 4.01 -0.82 -23.69
CA ALA A 452 3.69 0.64 -23.88
C ALA A 452 4.98 1.47 -24.07
N MET A 453 6.01 1.19 -23.26
CA MET A 453 7.31 1.79 -23.46
C MET A 453 7.88 1.55 -24.85
N LYS A 454 7.76 0.32 -25.35
CA LYS A 454 8.25 0.05 -26.69
C LYS A 454 7.49 0.83 -27.74
N ASP A 455 6.17 0.89 -27.58
CA ASP A 455 5.34 1.62 -28.50
C ASP A 455 5.76 3.09 -28.55
N GLN A 456 6.15 3.63 -27.38
CA GLN A 456 6.48 5.03 -27.27
C GLN A 456 7.95 5.35 -27.50
N GLY A 457 8.73 4.35 -27.88
CA GLY A 457 10.12 4.57 -28.21
C GLY A 457 11.06 4.72 -27.04
N ASP A 458 10.68 4.33 -25.84
CA ASP A 458 11.54 4.44 -24.67
C ASP A 458 12.67 3.41 -24.74
N TRP A 459 12.40 2.27 -25.40
CA TRP A 459 13.43 1.28 -25.74
C TRP A 459 13.01 0.69 -27.08
N TRP A 460 13.94 -0.01 -27.72
CA TRP A 460 13.69 -0.66 -29.02
C TRP A 460 14.66 -1.84 -29.12
PA NDP B . -0.69 5.64 8.03
O1A NDP B . -2.15 6.05 8.12
O2A NDP B . 0.37 6.65 8.34
O5B NDP B . -0.47 4.40 8.99
C5B NDP B . 0.78 3.75 9.04
C4B NDP B . 0.75 2.67 10.22
O4B NDP B . 1.85 1.93 10.15
C3B NDP B . 0.72 3.31 11.60
O3B NDP B . -0.04 2.52 12.54
C2B NDP B . 2.22 3.34 11.83
O2B NDP B . 2.48 3.45 13.28
C1B NDP B . 2.74 2.20 11.35
N9A NDP B . 4.07 2.38 10.90
C8A NDP B . 4.59 3.28 9.98
N7A NDP B . 5.92 3.16 9.89
C5A NDP B . 6.24 2.15 10.72
C6A NDP B . 7.50 1.65 10.98
N6A NDP B . 8.76 2.03 10.43
N1A NDP B . 7.65 0.65 11.87
C2A NDP B . 6.53 0.13 12.49
N3A NDP B . 5.24 0.62 12.27
C4A NDP B . 5.13 1.66 11.36
O3 NDP B . -0.36 5.02 6.61
PN NDP B . -1.18 4.09 5.61
O1N NDP B . -2.22 3.32 6.42
O2N NDP B . -1.80 4.94 4.55
O5D NDP B . -0.08 3.19 5.01
C5D NDP B . 0.21 1.84 5.49
C4D NDP B . 0.83 1.00 4.39
O4D NDP B . -0.04 0.88 3.34
C3D NDP B . 2.18 1.55 3.84
O3D NDP B . 3.05 0.54 3.48
C2D NDP B . 1.61 2.30 2.61
O2D NDP B . 2.69 2.59 1.67
C1D NDP B . 0.72 1.41 2.08
N1N NDP B . -0.32 1.83 1.21
C2N NDP B . -1.03 2.96 1.45
C3N NDP B . -2.00 3.46 0.49
C7N NDP B . -3.11 4.41 0.89
O7N NDP B . -4.03 4.57 0.11
N7N NDP B . -3.10 5.05 2.15
C4N NDP B . -2.30 2.67 -0.76
C5N NDP B . -1.46 1.45 -1.00
C6N NDP B . -0.65 0.95 0.14
P2B NDP B . 3.08 4.80 13.97
O1X NDP B . 3.45 4.40 15.41
O2X NDP B . 2.07 5.83 13.97
O3X NDP B . 4.38 5.14 13.20
C1 AKG C . -0.07 3.44 -2.67
O1 AKG C . -0.50 2.86 -3.71
O2 AKG C . 0.97 3.02 -2.18
C2 AKG C . -0.70 4.65 -2.05
O5 AKG C . -0.23 5.24 -1.01
C3 AKG C . -1.92 5.25 -2.73
C4 AKG C . -1.36 6.27 -3.71
C5 AKG C . -2.36 7.09 -4.49
O3 AKG C . -3.58 7.07 -4.20
O4 AKG C . -1.88 7.80 -5.44
C1 GOL D . 15.82 -6.83 5.29
O1 GOL D . 14.75 -6.55 6.22
C2 GOL D . 15.51 -8.13 4.53
O2 GOL D . 15.20 -9.22 5.41
C3 GOL D . 14.28 -7.93 3.63
O3 GOL D . 14.05 -9.05 2.79
C1 GOL E . 21.50 -1.80 -20.52
O1 GOL E . 21.78 -0.47 -20.08
C2 GOL E . 20.81 -1.70 -21.86
O2 GOL E . 21.76 -1.32 -22.86
C3 GOL E . 20.25 -3.07 -22.20
O3 GOL E . 19.66 -3.06 -23.51
C1 GOL F . 4.76 21.16 -14.17
O1 GOL F . 5.95 20.38 -14.25
C2 GOL F . 3.74 20.79 -15.26
O2 GOL F . 2.41 21.16 -14.87
C3 GOL F . 4.11 21.42 -16.61
O3 GOL F . 5.38 20.92 -17.06
C1 GOL G . -5.24 -4.79 -16.78
O1 GOL G . -5.41 -3.66 -17.68
C2 GOL G . -6.36 -4.78 -15.77
O2 GOL G . -7.58 -4.73 -16.48
C3 GOL G . -6.44 -5.99 -14.83
O3 GOL G . -5.31 -6.10 -13.97
C1 GOL H . -22.70 12.84 -11.31
O1 GOL H . -23.52 14.00 -11.16
C2 GOL H . -23.58 11.71 -11.80
O2 GOL H . -23.57 11.73 -13.22
C3 GOL H . -23.03 10.38 -11.27
O3 GOL H . -23.46 10.13 -9.92
C1 GOL I . -20.48 6.19 -12.11
O1 GOL I . -19.77 4.98 -12.04
C2 GOL I . -19.90 7.05 -13.22
O2 GOL I . -20.04 6.44 -14.49
C3 GOL I . -20.59 8.42 -13.25
O3 GOL I . -21.82 8.41 -13.97
C1 GOL J . -13.95 -20.19 9.44
O1 GOL J . -15.34 -20.03 9.73
C2 GOL J . -13.82 -21.08 8.20
O2 GOL J . -13.93 -20.32 6.99
C3 GOL J . -12.49 -21.84 8.22
O3 GOL J . -11.37 -21.11 8.74
C1 GOL K . 12.36 4.64 11.90
O1 GOL K . 12.13 3.47 11.08
C2 GOL K . 13.37 5.60 11.27
O2 GOL K . 14.39 4.84 10.62
C3 GOL K . 14.02 6.56 12.28
O3 GOL K . 15.17 7.20 11.70
C1 GOL L . 18.48 -1.63 -11.59
O1 GOL L . 19.10 -0.65 -12.44
C2 GOL L . 19.39 -2.79 -11.19
O2 GOL L . 20.15 -3.20 -12.34
C3 GOL L . 20.30 -2.41 -10.03
O3 GOL L . 19.61 -2.37 -8.75
C1 GOL M . -19.63 17.87 0.64
O1 GOL M . -18.90 16.74 1.15
C2 GOL M . -19.69 17.83 -0.89
O2 GOL M . -20.61 16.82 -1.34
C3 GOL M . -20.10 19.20 -1.44
O3 GOL M . -20.35 19.19 -2.86
C1 GOL N . -2.55 -27.51 8.39
O1 GOL N . -3.47 -27.27 7.30
C2 GOL N . -2.31 -26.22 9.18
O2 GOL N . -3.48 -25.86 9.91
C3 GOL N . -1.12 -26.39 10.13
O3 GOL N . 0.12 -26.05 9.50
C1 GOL O . 2.08 -28.26 -14.88
O1 GOL O . 1.22 -29.08 -15.67
C2 GOL O . 3.56 -28.38 -15.23
O2 GOL O . 3.78 -27.80 -16.53
C3 GOL O . 4.43 -27.62 -14.19
O3 GOL O . 5.31 -28.47 -13.43
C1 GOL P . -7.92 -19.31 18.78
O1 GOL P . -9.16 -18.83 19.30
C2 GOL P . -6.79 -19.16 19.79
O2 GOL P . -5.52 -19.47 19.19
C3 GOL P . -6.74 -17.74 20.39
O3 GOL P . -7.49 -17.65 21.62
C1 GOL Q . 16.19 33.43 15.32
O1 GOL Q . 17.58 33.34 15.53
C2 GOL Q . 15.49 32.18 15.83
O2 GOL Q . 16.32 31.40 16.69
C3 GOL Q . 14.25 32.60 16.59
O3 GOL Q . 13.43 33.40 15.77
C1 GOL R . 12.76 19.19 13.63
O1 GOL R . 11.93 18.49 14.55
C2 GOL R . 13.21 18.34 12.43
O2 GOL R . 12.22 18.32 11.41
C3 GOL R . 14.49 18.86 11.78
O3 GOL R . 15.30 17.82 11.18
C1 GOL S . -14.52 -3.79 26.41
O1 GOL S . -14.47 -3.54 27.83
C2 GOL S . -15.99 -3.68 25.98
O2 GOL S . -16.35 -2.32 25.74
C3 GOL S . -16.24 -4.49 24.71
O3 GOL S . -16.91 -5.73 24.99
C1 GOL T . 5.86 -2.78 16.75
O1 GOL T . 4.66 -3.17 16.06
C2 GOL T . 7.09 -3.34 16.03
O2 GOL T . 7.31 -2.63 14.83
C3 GOL T . 8.37 -3.23 16.86
O3 GOL T . 9.30 -4.27 16.50
C1 GOL U . -10.29 19.11 -13.35
O1 GOL U . -10.63 20.19 -12.43
C2 GOL U . -8.81 19.04 -13.72
O2 GOL U . -8.42 18.07 -12.80
C3 GOL U . -8.32 18.76 -15.16
O3 GOL U . -7.99 17.41 -15.65
C1 GOL V . 17.75 -9.23 -13.49
O1 GOL V . 18.82 -8.37 -13.10
C2 GOL V . 18.01 -10.01 -14.78
O2 GOL V . 16.73 -10.55 -15.09
C3 GOL V . 18.58 -9.16 -15.93
O3 GOL V . 17.96 -9.34 -17.23
C1 GOL W . -22.33 -11.58 9.71
O1 GOL W . -22.17 -10.30 10.33
C2 GOL W . -22.82 -11.43 8.27
O2 GOL W . -22.15 -10.36 7.60
C3 GOL W . -22.57 -12.70 7.46
O3 GOL W . -22.79 -12.51 6.06
C1 GOL X . -9.69 -1.53 34.07
O1 GOL X . -10.47 -2.64 33.62
C2 GOL X . -8.40 -1.99 34.77
O2 GOL X . -7.99 -3.28 34.29
C3 GOL X . -7.22 -1.03 34.54
O3 GOL X . -7.58 0.36 34.69
C1 GOL Y . -4.32 8.27 2.46
O1 GOL Y . -4.82 9.40 3.19
C2 GOL Y . -5.21 8.04 1.27
O2 GOL Y . -6.58 8.32 1.65
C3 GOL Y . -4.72 8.85 0.03
O3 GOL Y . -4.49 10.27 0.20
C1 GOL Z . 9.57 21.52 -14.67
O1 GOL Z . 10.20 20.48 -15.38
C2 GOL Z . 10.65 22.54 -14.51
O2 GOL Z . 10.33 23.61 -15.42
C3 GOL Z . 10.60 22.99 -13.08
O3 GOL Z . 11.66 23.92 -12.91
C1 PEG AA . -13.15 -15.19 -8.28
O1 PEG AA . -12.48 -16.13 -7.40
C2 PEG AA . -14.60 -14.94 -7.83
O2 PEG AA . -14.66 -14.64 -6.43
C3 PEG AA . -15.99 -14.54 -5.91
C4 PEG AA . -15.97 -14.11 -4.44
O4 PEG AA . -16.67 -12.87 -4.15
C1 PEG BA . -8.78 -25.46 -5.35
O1 PEG BA . -7.67 -25.28 -4.46
C2 PEG BA . -8.35 -25.06 -6.74
O2 PEG BA . -7.34 -25.98 -7.20
C3 PEG BA . -6.10 -25.41 -7.63
C4 PEG BA . -6.28 -24.71 -8.99
O4 PEG BA . -5.93 -23.31 -8.97
#